data_2ZYZ
#
_entry.id   2ZYZ
#
_cell.length_a   69.762
_cell.length_b   70.726
_cell.length_c   131.024
_cell.angle_alpha   90.00
_cell.angle_beta   90.00
_cell.angle_gamma   90.00
#
_symmetry.space_group_name_H-M   'P 21 21 21'
#
loop_
_entity.id
_entity.type
_entity.pdbx_description
1 polymer 'Putative uncharacterized protein PAE0789'
2 polymer 'tRNA-splicing endonuclease'
3 water water
#
loop_
_entity_poly.entity_id
_entity_poly.type
_entity_poly.pdbx_seq_one_letter_code
_entity_poly.pdbx_strand_id
1 'polypeptide(L)'
;MGSSHHHHHHSSGLVPRGSHMDVLQEQVFKDLKSRGFKIIEQLDDKIFIAEKKERYLFYVMVEGVEVTIQTLLSVINMGE
TLSMPVVLALVSNDGTVTYYYVRKIRLPRNIYAEAV
;
A,C
2 'polypeptide(L)'
;MIGYLRGLAVIVEDVEFARRLYKEGFYGRFLGYDKVKRDEVEKINAPLILGLYEALYLAEKGRLKVMGEDGREVAPEELA
ALGRERMRNFDEIYKIYKYFRDLGYVVKSGLKFGALFSVYEKGPGIDHAPMVVVFLEPDKGISATDITRGGRLSHSVRKT
WTLATVLRQTGEVVLLGFGWARL
;
B,D
#
# COMPACT_ATOMS: atom_id res chain seq x y z
N MET A 21 -16.97 18.87 -20.84
CA MET A 21 -15.54 18.74 -20.77
C MET A 21 -14.97 17.55 -20.10
N ASP A 22 -15.00 17.46 -18.77
CA ASP A 22 -14.36 16.36 -18.03
C ASP A 22 -15.33 15.61 -17.12
N VAL A 23 -15.78 14.46 -17.56
CA VAL A 23 -16.88 13.78 -16.94
C VAL A 23 -16.57 13.27 -15.55
N LEU A 24 -15.31 12.96 -15.30
CA LEU A 24 -14.94 12.51 -13.99
C LEU A 24 -14.98 13.61 -12.95
N GLN A 25 -14.37 14.74 -13.26
CA GLN A 25 -14.49 15.89 -12.41
C GLN A 25 -15.94 16.31 -12.28
N GLU A 26 -16.70 16.18 -13.34
CA GLU A 26 -18.09 16.56 -13.25
C GLU A 26 -18.84 15.78 -12.21
N GLN A 27 -18.41 14.55 -11.98
CA GLN A 27 -19.09 13.70 -11.03
C GLN A 27 -18.94 14.28 -9.62
N VAL A 28 -17.85 14.94 -9.37
CA VAL A 28 -17.66 15.61 -8.09
C VAL A 28 -18.63 16.79 -7.90
N PHE A 29 -18.71 17.64 -8.89
CA PHE A 29 -19.64 18.75 -8.80
C PHE A 29 -21.05 18.28 -8.59
N LYS A 30 -21.49 17.29 -9.34
CA LYS A 30 -22.81 16.76 -9.22
C LYS A 30 -23.04 16.23 -7.84
N ASP A 31 -22.09 15.46 -7.34
CA ASP A 31 -22.22 14.89 -6.02
C ASP A 31 -22.38 15.94 -4.95
N LEU A 32 -21.47 16.91 -4.91
CA LEU A 32 -21.56 17.95 -3.91
C LEU A 32 -22.85 18.78 -4.06
N LYS A 33 -23.25 19.04 -5.28
CA LYS A 33 -24.42 19.85 -5.47
C LYS A 33 -25.67 19.16 -4.96
N SER A 34 -25.68 17.85 -5.06
CA SER A 34 -26.81 17.07 -4.62
C SER A 34 -27.06 17.12 -3.13
N ARG A 35 -26.07 17.53 -2.37
CA ARG A 35 -26.19 17.60 -0.95
C ARG A 35 -25.98 19.00 -0.39
N GLY A 36 -26.28 19.98 -1.20
CA GLY A 36 -26.42 21.33 -0.75
C GLY A 36 -25.16 22.16 -0.72
N PHE A 37 -24.09 21.70 -1.33
CA PHE A 37 -22.95 22.57 -1.55
C PHE A 37 -23.20 23.56 -2.68
N LYS A 38 -22.69 24.78 -2.53
CA LYS A 38 -22.56 25.69 -3.65
C LYS A 38 -21.13 25.79 -4.11
N ILE A 39 -20.90 25.77 -5.41
CA ILE A 39 -19.59 25.99 -5.92
C ILE A 39 -19.29 27.49 -5.96
N ILE A 40 -18.25 27.90 -5.28
CA ILE A 40 -17.93 29.30 -5.09
C ILE A 40 -16.96 29.82 -6.13
N GLU A 41 -15.94 29.06 -6.43
CA GLU A 41 -14.92 29.49 -7.36
C GLU A 41 -14.10 28.32 -7.84
N GLN A 42 -13.76 28.28 -9.04
CA GLN A 42 -12.76 27.35 -9.55
C GLN A 42 -11.41 28.04 -9.74
N LEU A 43 -10.46 27.56 -9.10
CA LEU A 43 -9.21 28.25 -9.01
C LEU A 43 -8.25 27.79 -10.07
N ASP A 44 -8.40 26.55 -10.53
CA ASP A 44 -7.48 25.88 -11.42
C ASP A 44 -8.17 24.67 -11.97
N ASP A 45 -7.52 23.95 -12.86
CA ASP A 45 -7.92 22.62 -13.10
C ASP A 45 -7.88 21.92 -11.74
N LYS A 46 -8.87 21.15 -11.45
CA LYS A 46 -8.76 20.30 -10.30
C LYS A 46 -8.97 20.97 -8.96
N ILE A 47 -8.95 22.30 -8.89
CA ILE A 47 -9.03 23.01 -7.62
C ILE A 47 -10.20 23.98 -7.55
N PHE A 48 -11.01 23.87 -6.53
CA PHE A 48 -12.16 24.72 -6.42
C PHE A 48 -12.60 24.97 -4.98
N ILE A 49 -13.31 26.04 -4.72
CA ILE A 49 -13.87 26.28 -3.42
C ILE A 49 -15.37 26.01 -3.47
N ALA A 50 -15.89 25.33 -2.47
CA ALA A 50 -17.31 25.09 -2.36
C ALA A 50 -17.78 25.19 -0.95
N GLU A 51 -19.04 25.47 -0.77
CA GLU A 51 -19.51 25.79 0.53
C GLU A 51 -20.79 25.12 0.94
N LYS A 52 -20.80 24.65 2.18
CA LYS A 52 -21.98 24.15 2.88
C LYS A 52 -21.77 24.35 4.37
N LYS A 53 -22.21 25.46 4.88
CA LYS A 53 -21.83 25.75 6.25
C LYS A 53 -20.42 26.26 6.51
N GLU A 54 -19.45 25.94 5.63
CA GLU A 54 -18.18 26.49 5.88
C GLU A 54 -17.70 26.27 4.46
N ARG A 55 -16.73 27.07 4.07
CA ARG A 55 -16.06 26.93 2.80
C ARG A 55 -14.93 25.95 2.93
N TYR A 56 -14.81 25.08 1.94
CA TYR A 56 -13.73 24.16 1.83
C TYR A 56 -12.97 24.35 0.53
N LEU A 57 -11.71 23.98 0.57
CA LEU A 57 -10.94 23.93 -0.63
C LEU A 57 -10.83 22.52 -1.13
N PHE A 58 -11.34 22.24 -2.32
CA PHE A 58 -11.36 20.90 -2.90
C PHE A 58 -10.25 20.70 -3.92
N TYR A 59 -9.65 19.50 -3.91
CA TYR A 59 -8.65 19.11 -4.89
C TYR A 59 -9.01 17.74 -5.44
N VAL A 60 -9.33 17.68 -6.72
CA VAL A 60 -9.81 16.47 -7.34
C VAL A 60 -8.63 15.63 -7.73
N MET A 61 -8.68 14.39 -7.30
CA MET A 61 -7.66 13.40 -7.62
C MET A 61 -8.26 12.24 -8.40
N VAL A 62 -7.98 12.14 -9.67
CA VAL A 62 -8.50 11.08 -10.47
C VAL A 62 -7.63 9.82 -10.40
N GLU A 63 -8.24 8.65 -10.31
CA GLU A 63 -7.49 7.42 -10.19
C GLU A 63 -6.42 7.34 -11.33
N GLY A 64 -5.19 7.05 -10.98
CA GLY A 64 -4.16 6.86 -11.97
C GLY A 64 -3.38 8.12 -12.29
N VAL A 65 -3.85 9.25 -11.80
CA VAL A 65 -3.23 10.53 -12.09
C VAL A 65 -2.43 11.00 -10.90
N GLU A 66 -1.13 10.88 -10.97
CA GLU A 66 -0.26 11.13 -9.86
C GLU A 66 0.10 12.56 -9.79
N VAL A 67 0.19 13.10 -8.60
CA VAL A 67 0.76 14.42 -8.44
C VAL A 67 1.94 14.45 -7.52
N THR A 68 2.81 15.43 -7.68
CA THR A 68 3.98 15.53 -6.86
C THR A 68 3.64 15.92 -5.43
N ILE A 69 4.49 15.60 -4.50
CA ILE A 69 4.37 16.07 -3.14
C ILE A 69 4.34 17.59 -3.04
N GLN A 70 5.08 18.26 -3.88
CA GLN A 70 5.09 19.69 -3.88
C GLN A 70 3.70 20.27 -4.22
N THR A 71 3.05 19.72 -5.21
CA THR A 71 1.73 20.16 -5.57
C THR A 71 0.75 19.97 -4.39
N LEU A 72 0.72 18.78 -3.83
CA LEU A 72 -0.11 18.58 -2.65
C LEU A 72 0.18 19.52 -1.52
N LEU A 73 1.43 19.72 -1.20
CA LEU A 73 1.75 20.62 -0.15
C LEU A 73 1.31 22.04 -0.42
N SER A 74 1.33 22.43 -1.67
CA SER A 74 0.92 23.77 -2.04
C SER A 74 -0.56 24.00 -1.85
N VAL A 75 -1.35 23.03 -2.28
CA VAL A 75 -2.78 23.08 -2.05
C VAL A 75 -3.07 23.15 -0.56
N ILE A 76 -2.37 22.34 0.23
CA ILE A 76 -2.57 22.33 1.64
C ILE A 76 -2.24 23.69 2.20
N ASN A 77 -1.13 24.26 1.76
CA ASN A 77 -0.81 25.59 2.16
C ASN A 77 -1.84 26.68 1.77
N MET A 78 -2.39 26.57 0.58
CA MET A 78 -3.48 27.42 0.15
C MET A 78 -4.63 27.39 1.14
N GLY A 79 -4.99 26.21 1.59
CA GLY A 79 -5.99 26.11 2.60
C GLY A 79 -5.67 26.90 3.84
N GLU A 80 -4.49 26.74 4.36
CA GLU A 80 -4.12 27.47 5.53
C GLU A 80 -4.22 29.00 5.29
N THR A 81 -3.72 29.45 4.16
CA THR A 81 -3.73 30.85 3.83
C THR A 81 -5.14 31.39 3.80
N LEU A 82 -6.02 30.75 3.05
CA LEU A 82 -7.40 31.13 2.88
C LEU A 82 -8.29 30.80 4.09
N SER A 83 -7.71 30.17 5.10
CA SER A 83 -8.45 29.69 6.25
C SER A 83 -9.59 28.72 6.01
N MET A 84 -9.28 27.68 5.23
CA MET A 84 -10.27 26.72 4.79
C MET A 84 -9.72 25.31 4.87
N PRO A 85 -10.48 24.40 5.39
CA PRO A 85 -10.05 23.00 5.34
C PRO A 85 -9.97 22.46 3.95
N VAL A 86 -8.99 21.58 3.70
CA VAL A 86 -8.76 20.97 2.43
C VAL A 86 -9.36 19.56 2.34
N VAL A 87 -10.03 19.30 1.25
CA VAL A 87 -10.65 18.05 1.02
C VAL A 87 -10.20 17.51 -0.32
N LEU A 88 -9.71 16.30 -0.33
CA LEU A 88 -9.36 15.59 -1.54
C LEU A 88 -10.59 14.82 -1.99
N ALA A 89 -10.97 15.06 -3.22
CA ALA A 89 -12.08 14.37 -3.79
C ALA A 89 -11.47 13.33 -4.72
N LEU A 90 -11.57 12.07 -4.34
CA LEU A 90 -10.99 10.97 -5.08
C LEU A 90 -12.00 10.40 -6.06
N VAL A 91 -11.64 10.25 -7.31
CA VAL A 91 -12.56 9.79 -8.30
C VAL A 91 -12.05 8.54 -9.00
N SER A 92 -12.87 7.49 -9.00
CA SER A 92 -12.48 6.24 -9.59
C SER A 92 -12.47 6.40 -11.09
N ASN A 93 -11.89 5.43 -11.77
CA ASN A 93 -11.71 5.54 -13.21
C ASN A 93 -13.00 5.61 -13.96
N ASP A 94 -14.07 5.26 -13.19
CA ASP A 94 -15.37 5.35 -13.85
C ASP A 94 -16.38 6.06 -12.96
N GLY A 95 -15.99 6.99 -12.14
CA GLY A 95 -16.79 8.07 -11.65
C GLY A 95 -17.33 8.01 -10.24
N THR A 96 -16.83 7.09 -9.46
CA THR A 96 -17.24 7.04 -8.09
C THR A 96 -16.42 8.01 -7.27
N VAL A 97 -17.03 8.78 -6.39
CA VAL A 97 -16.36 9.84 -5.66
C VAL A 97 -16.30 9.53 -4.16
N THR A 98 -15.13 9.66 -3.57
CA THR A 98 -14.90 9.46 -2.15
C THR A 98 -14.07 10.63 -1.65
N TYR A 99 -14.33 11.12 -0.45
CA TYR A 99 -13.69 12.34 0.05
C TYR A 99 -12.76 12.03 1.24
N TYR A 100 -11.56 12.59 1.26
CA TYR A 100 -10.71 12.58 2.45
C TYR A 100 -10.32 14.01 2.88
N TYR A 101 -10.37 14.28 4.16
CA TYR A 101 -9.69 15.46 4.71
C TYR A 101 -8.18 15.27 4.64
N VAL A 102 -7.46 16.36 4.44
CA VAL A 102 -6.04 16.36 4.63
C VAL A 102 -5.53 17.66 5.30
N ARG A 103 -4.49 17.53 6.09
CA ARG A 103 -3.90 18.63 6.75
C ARG A 103 -2.43 18.41 6.99
N LYS A 104 -1.68 19.47 7.13
CA LYS A 104 -0.32 19.30 7.56
C LYS A 104 -0.29 19.31 9.04
N ILE A 105 0.20 18.23 9.59
CA ILE A 105 0.26 18.06 11.02
C ILE A 105 1.37 18.93 11.67
N ARG A 106 1.08 19.54 12.80
CA ARG A 106 2.10 20.16 13.60
C ARG A 106 2.20 19.44 14.92
N LEU A 107 3.06 18.47 15.01
CA LEU A 107 2.87 17.44 15.99
C LEU A 107 3.29 18.01 17.36
N PRO A 108 2.41 18.09 18.33
CA PRO A 108 2.82 18.61 19.61
C PRO A 108 3.63 17.59 20.40
N ARG A 109 4.40 17.99 21.40
CA ARG A 109 4.99 17.05 22.33
C ARG A 109 3.96 16.13 22.92
N ASN A 110 4.31 14.88 23.12
CA ASN A 110 3.42 13.92 23.71
C ASN A 110 3.19 14.30 25.15
N ILE A 111 1.94 14.38 25.53
CA ILE A 111 1.60 14.63 26.91
C ILE A 111 2.01 13.51 27.84
N TYR A 112 1.94 12.30 27.32
CA TYR A 112 2.28 11.17 28.11
C TYR A 112 3.68 10.71 27.96
N ALA A 113 4.57 11.62 27.54
CA ALA A 113 5.96 11.32 27.40
C ALA A 113 6.59 10.90 28.74
N MET B 1 25.19 -0.96 30.29
CA MET B 1 24.50 -0.21 29.25
C MET B 1 24.72 -0.89 27.94
N ILE B 2 25.02 -2.17 27.95
CA ILE B 2 25.51 -2.85 26.76
C ILE B 2 24.46 -3.54 25.93
N GLY B 3 24.56 -3.42 24.62
CA GLY B 3 23.88 -4.31 23.73
C GLY B 3 24.72 -4.87 22.65
N TYR B 4 24.39 -6.03 22.12
CA TYR B 4 25.20 -6.64 21.10
C TYR B 4 24.61 -6.57 19.72
N LEU B 5 25.34 -6.05 18.77
CA LEU B 5 24.98 -6.13 17.38
C LEU B 5 25.12 -7.51 16.78
N ARG B 6 24.01 -8.07 16.36
CA ARG B 6 24.01 -9.32 15.69
C ARG B 6 23.23 -9.30 14.37
N GLY B 7 23.87 -8.86 13.30
CA GLY B 7 23.19 -8.66 12.06
C GLY B 7 22.55 -7.29 11.95
N LEU B 8 21.23 -7.23 11.93
CA LEU B 8 20.52 -6.00 11.76
C LEU B 8 19.69 -5.60 12.99
N ALA B 9 19.95 -6.22 14.11
CA ALA B 9 19.34 -5.88 15.35
C ALA B 9 20.34 -5.98 16.47
N VAL B 10 20.00 -5.42 17.61
CA VAL B 10 20.87 -5.41 18.76
C VAL B 10 20.20 -6.12 19.91
N ILE B 11 20.89 -6.99 20.62
CA ILE B 11 20.28 -7.76 21.70
C ILE B 11 20.89 -7.42 23.03
N VAL B 12 20.05 -7.12 24.01
CA VAL B 12 20.48 -6.75 25.35
C VAL B 12 20.33 -7.95 26.26
N GLU B 13 21.45 -8.41 26.80
CA GLU B 13 21.51 -9.62 27.58
C GLU B 13 21.51 -9.34 29.07
N ASP B 14 21.86 -8.14 29.45
CA ASP B 14 21.79 -7.66 30.80
C ASP B 14 20.37 -7.32 31.12
N VAL B 15 19.68 -8.24 31.78
CA VAL B 15 18.24 -8.13 32.04
C VAL B 15 17.81 -6.93 32.85
N GLU B 16 18.58 -6.55 33.86
CA GLU B 16 18.33 -5.34 34.56
C GLU B 16 18.39 -4.08 33.69
N PHE B 17 19.32 -4.02 32.76
CA PHE B 17 19.32 -2.97 31.74
C PHE B 17 18.15 -3.07 30.76
N ALA B 18 17.89 -4.27 30.28
CA ALA B 18 16.76 -4.53 29.42
C ALA B 18 15.48 -4.00 29.99
N ARG B 19 15.22 -4.32 31.25
CA ARG B 19 14.07 -3.80 31.96
C ARG B 19 14.00 -2.29 32.03
N ARG B 20 15.13 -1.63 32.20
CA ARG B 20 15.13 -0.20 32.28
C ARG B 20 14.76 0.44 30.94
N LEU B 21 15.33 -0.06 29.86
CA LEU B 21 14.96 0.39 28.54
C LEU B 21 13.47 0.25 28.28
N TYR B 22 12.90 -0.91 28.56
CA TYR B 22 11.49 -1.13 28.29
C TYR B 22 10.51 -0.33 29.15
N LYS B 23 10.74 -0.25 30.44
CA LYS B 23 9.96 0.64 31.30
C LYS B 23 10.36 2.10 31.07
N GLU B 24 11.41 2.47 30.36
CA GLU B 24 11.67 3.91 30.13
C GLU B 24 11.70 4.37 28.64
N GLY B 25 10.61 4.14 27.92
CA GLY B 25 10.44 4.41 26.51
C GLY B 25 9.82 3.24 25.77
N PHE B 26 9.50 2.16 26.43
CA PHE B 26 9.06 1.02 25.68
C PHE B 26 9.99 0.74 24.46
N TYR B 27 11.28 0.84 24.69
CA TYR B 27 12.25 0.39 23.72
C TYR B 27 12.37 -1.12 23.63
N GLY B 28 12.35 -1.68 22.44
CA GLY B 28 12.60 -3.08 22.26
C GLY B 28 11.46 -4.03 22.51
N ARG B 29 11.74 -5.32 22.35
CA ARG B 29 10.81 -6.40 22.60
C ARG B 29 11.55 -7.51 23.32
N PHE B 30 10.95 -8.07 24.34
CA PHE B 30 11.52 -9.24 24.99
C PHE B 30 11.18 -10.50 24.20
N LEU B 31 12.16 -11.32 23.89
CA LEU B 31 11.82 -12.65 23.41
C LEU B 31 11.29 -13.52 24.56
N GLY B 32 10.38 -14.41 24.27
CA GLY B 32 9.39 -14.26 23.27
C GLY B 32 8.17 -13.91 24.04
N TYR B 33 8.03 -12.63 24.29
CA TYR B 33 6.86 -12.05 24.84
C TYR B 33 6.32 -11.04 23.84
N ASP B 34 5.08 -10.61 24.07
CA ASP B 34 4.64 -9.36 23.52
C ASP B 34 3.48 -8.77 24.21
N LYS B 35 3.22 -7.54 23.87
CA LYS B 35 2.33 -6.75 24.66
C LYS B 35 2.67 -6.85 26.14
N VAL B 36 3.95 -6.93 26.46
CA VAL B 36 4.41 -6.76 27.81
C VAL B 36 4.02 -5.44 28.44
N LYS B 37 3.41 -5.48 29.61
CA LYS B 37 3.11 -4.26 30.34
C LYS B 37 4.21 -3.93 31.33
N ARG B 38 4.41 -2.65 31.58
CA ARG B 38 5.45 -2.16 32.46
C ARG B 38 5.58 -2.88 33.83
N ASP B 39 4.46 -3.28 34.36
CA ASP B 39 4.29 -3.86 35.67
C ASP B 39 4.45 -5.34 35.77
N GLU B 40 4.64 -5.95 34.60
CA GLU B 40 5.10 -7.31 34.48
C GLU B 40 6.53 -7.43 34.00
N VAL B 41 7.21 -6.29 33.87
CA VAL B 41 8.57 -6.26 33.40
C VAL B 41 9.54 -6.88 34.39
N GLU B 42 9.33 -6.65 35.69
CA GLU B 42 10.25 -7.17 36.70
C GLU B 42 10.27 -8.65 36.84
N LYS B 43 9.27 -9.32 36.35
CA LYS B 43 9.21 -10.74 36.49
C LYS B 43 9.57 -11.41 35.20
N ILE B 44 10.02 -10.60 34.26
CA ILE B 44 10.56 -11.05 32.99
C ILE B 44 12.08 -11.12 32.99
N ASN B 45 12.59 -12.26 32.57
CA ASN B 45 13.99 -12.45 32.50
C ASN B 45 14.10 -13.09 31.17
N ALA B 46 14.27 -12.24 30.19
CA ALA B 46 14.53 -12.69 28.82
C ALA B 46 15.35 -11.61 28.16
N PRO B 47 16.05 -11.90 27.10
CA PRO B 47 16.76 -10.85 26.40
C PRO B 47 15.81 -9.91 25.69
N LEU B 48 16.26 -8.69 25.49
CA LEU B 48 15.51 -7.66 24.77
C LEU B 48 16.13 -7.44 23.40
N ILE B 49 15.30 -7.40 22.38
CA ILE B 49 15.80 -7.05 21.08
C ILE B 49 15.40 -5.66 20.64
N LEU B 50 16.36 -4.94 20.11
CA LEU B 50 16.18 -3.60 19.65
C LEU B 50 16.38 -3.57 18.14
N GLY B 51 15.52 -2.88 17.45
CA GLY B 51 15.72 -2.71 16.04
C GLY B 51 16.81 -1.71 15.74
N LEU B 52 17.31 -1.67 14.53
CA LEU B 52 18.39 -0.78 14.22
C LEU B 52 18.12 0.72 14.44
N TYR B 53 16.92 1.18 14.12
CA TYR B 53 16.58 2.56 14.40
C TYR B 53 16.59 2.88 15.89
N GLU B 54 15.99 2.00 16.70
CA GLU B 54 16.00 2.10 18.16
C GLU B 54 17.40 2.13 18.73
N ALA B 55 18.22 1.19 18.32
CA ALA B 55 19.58 1.12 18.77
C ALA B 55 20.37 2.37 18.40
N LEU B 56 20.31 2.80 17.17
CA LEU B 56 20.91 4.05 16.78
C LEU B 56 20.45 5.25 17.59
N TYR B 57 19.17 5.37 17.85
CA TYR B 57 18.65 6.46 18.63
C TYR B 57 19.22 6.45 20.04
N LEU B 58 19.21 5.28 20.65
CA LEU B 58 19.64 5.15 22.01
C LEU B 58 21.13 5.40 22.12
N ALA B 59 21.88 4.93 21.14
CA ALA B 59 23.30 5.20 21.06
C ALA B 59 23.60 6.70 20.97
N GLU B 60 22.92 7.40 20.09
CA GLU B 60 23.01 8.83 20.03
C GLU B 60 22.73 9.54 21.38
N LYS B 61 21.83 9.01 22.20
CA LYS B 61 21.37 9.66 23.42
C LYS B 61 22.01 9.50 24.87
N GLY B 62 23.25 9.09 24.95
CA GLY B 62 23.76 7.77 24.83
C GLY B 62 23.37 6.85 25.95
N ARG B 63 22.34 6.09 25.68
CA ARG B 63 21.69 5.26 26.63
C ARG B 63 22.03 3.82 26.38
N LEU B 64 22.81 3.61 25.34
CA LEU B 64 23.26 2.31 24.94
C LEU B 64 24.65 2.35 24.34
N LYS B 65 25.49 1.40 24.71
CA LYS B 65 26.74 1.13 24.00
C LYS B 65 26.66 -0.17 23.27
N VAL B 66 26.86 -0.14 21.98
CA VAL B 66 26.70 -1.29 21.15
C VAL B 66 28.01 -1.98 20.90
N MET B 67 28.05 -3.28 21.16
CA MET B 67 29.24 -4.06 20.96
C MET B 67 29.12 -4.99 19.76
N GLY B 68 30.10 -4.97 18.87
CA GLY B 68 30.09 -5.85 17.73
C GLY B 68 30.58 -7.24 18.00
N GLU B 69 30.55 -8.12 17.01
CA GLU B 69 30.91 -9.51 17.19
C GLU B 69 32.40 -9.75 17.47
N ASP B 70 33.21 -8.84 17.01
CA ASP B 70 34.64 -8.82 17.31
C ASP B 70 34.99 -8.09 18.58
N GLY B 71 34.03 -7.83 19.43
CA GLY B 71 34.28 -7.01 20.59
C GLY B 71 34.62 -5.54 20.44
N ARG B 72 34.47 -4.95 19.26
CA ARG B 72 34.57 -3.50 19.06
C ARG B 72 33.31 -2.73 19.52
N GLU B 73 33.47 -1.54 20.08
CA GLU B 73 32.35 -0.61 20.21
C GLU B 73 31.89 -0.19 18.84
N VAL B 74 30.59 -0.21 18.60
CA VAL B 74 30.08 0.26 17.34
C VAL B 74 29.47 1.66 17.54
N ALA B 75 30.12 2.71 17.04
CA ALA B 75 29.65 4.08 17.31
C ALA B 75 28.40 4.40 16.48
N PRO B 76 27.74 5.49 16.79
CA PRO B 76 26.53 5.85 16.03
C PRO B 76 26.74 5.92 14.55
N GLU B 77 27.81 6.56 14.13
CA GLU B 77 28.05 6.67 12.73
C GLU B 77 28.30 5.36 12.01
N GLU B 78 28.78 4.38 12.76
CA GLU B 78 28.95 3.04 12.23
C GLU B 78 27.61 2.33 12.07
N LEU B 79 26.74 2.50 13.04
CA LEU B 79 25.41 1.97 12.95
C LEU B 79 24.67 2.54 11.76
N ALA B 80 24.79 3.84 11.56
CA ALA B 80 24.13 4.45 10.45
C ALA B 80 24.64 4.00 9.11
N ALA B 81 25.94 3.77 9.01
CA ALA B 81 26.48 3.29 7.77
C ALA B 81 25.98 1.92 7.41
N LEU B 82 25.88 1.07 8.38
CA LEU B 82 25.27 -0.23 8.23
C LEU B 82 23.80 -0.16 7.76
N GLY B 83 23.00 0.64 8.42
CA GLY B 83 21.66 0.84 7.95
C GLY B 83 21.54 1.35 6.54
N ARG B 84 22.37 2.30 6.19
CA ARG B 84 22.36 2.88 4.88
C ARG B 84 22.77 1.87 3.82
N GLU B 85 23.63 0.96 4.19
CA GLU B 85 24.05 -0.06 3.27
C GLU B 85 22.96 -1.07 3.00
N ARG B 86 22.23 -1.39 4.04
CA ARG B 86 21.32 -2.49 3.91
C ARG B 86 19.85 -2.19 3.74
N MET B 87 19.46 -1.01 4.15
CA MET B 87 18.06 -0.63 4.17
C MET B 87 17.79 0.61 3.32
N ARG B 88 17.02 0.49 2.26
CA ARG B 88 16.78 1.60 1.37
C ARG B 88 16.16 2.75 2.17
N ASN B 89 16.56 3.98 1.91
CA ASN B 89 16.03 5.13 2.58
C ASN B 89 16.29 5.25 4.10
N PHE B 90 17.27 4.52 4.60
CA PHE B 90 17.56 4.50 6.01
C PHE B 90 17.66 5.87 6.59
N ASP B 91 18.34 6.77 5.90
CA ASP B 91 18.58 8.05 6.51
C ASP B 91 17.33 8.88 6.72
N GLU B 92 16.44 8.82 5.74
CA GLU B 92 15.19 9.54 5.79
C GLU B 92 14.29 8.90 6.82
N ILE B 93 14.24 7.60 6.84
CA ILE B 93 13.42 6.86 7.78
C ILE B 93 13.87 7.10 9.21
N TYR B 94 15.17 7.10 9.42
CA TYR B 94 15.66 7.42 10.75
C TYR B 94 15.28 8.81 11.22
N LYS B 95 15.37 9.75 10.33
CA LYS B 95 14.91 11.06 10.64
C LYS B 95 13.46 11.11 11.14
N ILE B 96 12.59 10.37 10.48
CA ILE B 96 11.23 10.25 10.90
C ILE B 96 11.10 9.60 12.26
N TYR B 97 11.83 8.51 12.47
CA TYR B 97 11.85 7.82 13.74
C TYR B 97 12.20 8.83 14.84
N LYS B 98 13.27 9.53 14.62
CA LYS B 98 13.80 10.45 15.59
C LYS B 98 12.84 11.63 15.82
N TYR B 99 12.20 12.09 14.77
CA TYR B 99 11.18 13.10 14.90
C TYR B 99 10.14 12.78 15.92
N PHE B 100 9.56 11.60 15.82
CA PHE B 100 8.51 11.18 16.72
C PHE B 100 9.08 10.91 18.12
N ARG B 101 10.25 10.32 18.20
CA ARG B 101 10.80 9.97 19.48
C ARG B 101 11.19 11.20 20.27
N ASP B 102 11.82 12.16 19.63
CA ASP B 102 12.21 13.41 20.27
C ASP B 102 11.02 14.19 20.82
N LEU B 103 9.85 13.99 20.23
CA LEU B 103 8.63 14.60 20.72
C LEU B 103 7.87 13.78 21.76
N GLY B 104 8.45 12.67 22.18
CA GLY B 104 7.86 11.88 23.22
C GLY B 104 6.95 10.74 22.87
N TYR B 105 6.90 10.40 21.60
CA TYR B 105 6.06 9.32 21.13
C TYR B 105 6.79 7.97 21.07
N VAL B 106 6.10 6.91 21.42
CA VAL B 106 6.61 5.57 21.26
C VAL B 106 6.48 5.11 19.79
N VAL B 107 7.60 4.79 19.16
CA VAL B 107 7.61 4.36 17.77
C VAL B 107 7.96 2.88 17.65
N LYS B 108 7.09 2.10 17.00
CA LYS B 108 7.31 0.70 16.83
C LYS B 108 7.20 0.26 15.36
N SER B 109 7.55 -0.98 15.11
CA SER B 109 7.50 -1.55 13.79
C SER B 109 6.16 -1.33 13.17
N GLY B 110 6.07 -0.96 11.92
CA GLY B 110 4.80 -0.94 11.20
C GLY B 110 4.48 -2.15 10.35
N LEU B 111 5.36 -3.14 10.36
CA LEU B 111 5.21 -4.27 9.49
C LEU B 111 3.84 -4.95 9.61
N LYS B 112 3.38 -5.11 10.82
CA LYS B 112 2.17 -5.82 11.03
C LYS B 112 0.97 -5.11 10.41
N PHE B 113 1.11 -3.80 10.26
CA PHE B 113 0.08 -2.95 9.74
C PHE B 113 0.25 -2.66 8.25
N GLY B 114 1.32 -3.14 7.65
CA GLY B 114 1.62 -2.80 6.29
C GLY B 114 2.13 -1.38 6.09
N ALA B 115 2.76 -0.85 7.12
CA ALA B 115 3.16 0.55 7.12
C ALA B 115 4.61 0.73 7.61
N LEU B 116 5.08 1.93 7.61
CA LEU B 116 6.43 2.20 8.10
C LEU B 116 6.52 1.99 9.62
N PHE B 117 5.72 2.75 10.34
CA PHE B 117 5.73 2.75 11.78
C PHE B 117 4.34 2.66 12.34
N SER B 118 4.26 2.20 13.55
CA SER B 118 3.07 2.37 14.36
C SER B 118 3.54 3.31 15.52
N VAL B 119 2.74 4.33 15.81
CA VAL B 119 3.15 5.34 16.73
C VAL B 119 2.11 5.51 17.82
N TYR B 120 2.54 5.48 19.08
CA TYR B 120 1.68 5.34 20.27
C TYR B 120 1.96 6.48 21.21
N GLU B 121 0.96 6.84 21.96
CA GLU B 121 1.11 7.79 23.02
C GLU B 121 1.53 7.12 24.31
N LYS B 122 0.99 5.95 24.57
CA LYS B 122 1.22 5.35 25.84
C LYS B 122 1.90 4.08 25.67
N GLY B 123 1.54 3.36 24.67
CA GLY B 123 2.21 2.14 24.54
C GLY B 123 1.22 1.30 23.86
N PRO B 124 1.77 0.30 23.25
CA PRO B 124 1.10 -0.51 22.27
C PRO B 124 -0.07 -1.11 23.00
N GLY B 125 0.19 -2.08 23.84
CA GLY B 125 -0.88 -2.56 24.66
C GLY B 125 -0.40 -2.48 26.09
N ILE B 126 -1.12 -1.72 26.91
CA ILE B 126 -2.39 -1.14 26.55
C ILE B 126 -2.31 0.45 26.68
N ASP B 127 -3.17 1.23 26.06
CA ASP B 127 -4.30 0.81 25.27
C ASP B 127 -4.15 1.92 24.24
N HIS B 128 -5.00 1.97 23.24
CA HIS B 128 -5.02 3.12 22.40
C HIS B 128 -3.62 3.18 21.81
N ALA B 129 -3.42 2.36 20.80
CA ALA B 129 -4.27 2.14 19.65
C ALA B 129 -3.67 2.95 18.51
N PRO B 130 -2.76 2.35 17.77
CA PRO B 130 -1.71 2.98 16.99
C PRO B 130 -2.11 4.05 15.97
N MET B 131 -1.24 5.02 15.75
CA MET B 131 -1.37 5.85 14.56
C MET B 131 -0.54 5.17 13.50
N VAL B 132 -1.11 4.89 12.37
CA VAL B 132 -0.43 4.21 11.33
C VAL B 132 0.33 5.26 10.50
N VAL B 133 1.64 5.07 10.35
CA VAL B 133 2.45 6.00 9.62
C VAL B 133 3.02 5.38 8.34
N VAL B 134 2.71 5.99 7.21
CA VAL B 134 3.04 5.48 5.90
C VAL B 134 4.15 6.35 5.38
N PHE B 135 5.14 5.75 4.74
CA PHE B 135 6.26 6.50 4.23
C PHE B 135 6.05 6.91 2.78
N LEU B 136 6.34 8.16 2.48
CA LEU B 136 6.50 8.59 1.11
C LEU B 136 7.98 8.69 0.76
N GLU B 137 8.46 7.79 -0.06
CA GLU B 137 9.85 7.77 -0.51
C GLU B 137 10.21 8.92 -1.37
N PRO B 138 11.50 9.19 -1.50
CA PRO B 138 11.98 10.10 -2.50
C PRO B 138 11.42 9.88 -3.91
N ASP B 139 11.18 10.97 -4.62
CA ASP B 139 10.93 10.95 -6.06
C ASP B 139 9.60 10.38 -6.43
N LYS B 140 8.81 10.06 -5.44
CA LYS B 140 7.56 9.42 -5.64
C LYS B 140 6.42 10.44 -5.49
N GLY B 141 5.52 10.45 -6.45
CA GLY B 141 4.32 11.22 -6.32
C GLY B 141 3.26 10.55 -5.46
N ILE B 142 2.10 11.18 -5.38
CA ILE B 142 0.99 10.58 -4.68
C ILE B 142 -0.27 10.52 -5.59
N SER B 143 -1.06 9.47 -5.51
CA SER B 143 -2.33 9.45 -6.23
C SER B 143 -3.51 9.05 -5.37
N ALA B 144 -4.70 9.10 -5.93
CA ALA B 144 -5.85 8.72 -5.17
C ALA B 144 -5.72 7.36 -4.49
N THR B 145 -5.13 6.43 -5.16
CA THR B 145 -5.07 5.08 -4.65
C THR B 145 -4.22 4.99 -3.39
N ASP B 146 -3.21 5.83 -3.28
CA ASP B 146 -2.43 5.90 -2.06
C ASP B 146 -3.28 6.30 -0.85
N ILE B 147 -4.23 7.14 -1.11
CA ILE B 147 -5.05 7.67 -0.06
C ILE B 147 -6.07 6.67 0.49
N THR B 148 -6.76 6.00 -0.41
CA THR B 148 -7.62 4.92 0.04
C THR B 148 -6.86 3.75 0.66
N ARG B 149 -5.67 3.50 0.19
CA ARG B 149 -4.86 2.45 0.75
C ARG B 149 -4.54 2.80 2.19
N GLY B 150 -4.11 4.03 2.45
CA GLY B 150 -3.90 4.40 3.82
C GLY B 150 -5.16 4.26 4.69
N GLY B 151 -6.27 4.62 4.15
CA GLY B 151 -7.50 4.45 4.86
C GLY B 151 -7.79 3.03 5.25
N ARG B 152 -7.40 2.12 4.39
CA ARG B 152 -7.52 0.70 4.66
C ARG B 152 -6.58 0.16 5.71
N LEU B 153 -5.38 0.69 5.74
CA LEU B 153 -4.44 0.35 6.75
C LEU B 153 -4.85 0.81 8.14
N SER B 154 -5.62 1.87 8.19
CA SER B 154 -6.11 2.45 9.43
C SER B 154 -6.89 1.44 10.25
N HIS B 155 -6.76 1.49 11.56
CA HIS B 155 -7.61 0.74 12.43
C HIS B 155 -8.74 1.61 13.02
N SER B 156 -8.93 2.82 12.53
CA SER B 156 -9.99 3.71 12.98
C SER B 156 -11.18 3.75 12.03
N VAL B 157 -12.37 3.94 12.57
CA VAL B 157 -13.54 3.99 11.72
C VAL B 157 -13.51 5.22 10.82
N ARG B 158 -12.76 6.21 11.24
CA ARG B 158 -12.52 7.43 10.53
C ARG B 158 -11.46 7.26 9.43
N LYS B 159 -10.82 6.11 9.39
CA LYS B 159 -9.86 5.77 8.36
C LYS B 159 -8.70 6.76 8.36
N THR B 160 -8.30 7.17 9.54
CA THR B 160 -7.25 8.14 9.73
C THR B 160 -5.83 7.52 9.65
N TRP B 161 -4.91 8.21 9.01
CA TRP B 161 -3.57 7.69 8.80
C TRP B 161 -2.66 8.88 8.55
N THR B 162 -1.37 8.68 8.71
CA THR B 162 -0.42 9.75 8.54
C THR B 162 0.59 9.44 7.47
N LEU B 163 0.94 10.38 6.64
CA LEU B 163 1.98 10.21 5.65
C LEU B 163 3.20 10.96 6.16
N ALA B 164 4.33 10.30 6.23
CA ALA B 164 5.58 10.93 6.64
C ALA B 164 6.54 10.99 5.48
N THR B 165 7.21 12.11 5.31
CA THR B 165 8.24 12.22 4.31
C THR B 165 9.33 13.19 4.76
N VAL B 166 10.47 13.19 4.10
CA VAL B 166 11.47 14.20 4.33
C VAL B 166 11.66 14.97 3.04
N LEU B 167 11.49 16.26 3.06
CA LEU B 167 11.61 17.05 1.86
C LEU B 167 13.06 17.16 1.47
N ARG B 168 13.36 16.80 0.27
CA ARG B 168 14.74 16.80 -0.16
C ARG B 168 15.42 18.18 -0.05
N GLN B 169 14.73 19.21 -0.46
CA GLN B 169 15.29 20.54 -0.45
C GLN B 169 15.76 20.97 0.89
N THR B 170 14.89 20.87 1.87
CA THR B 170 15.12 21.38 3.20
C THR B 170 15.58 20.37 4.25
N GLY B 171 15.34 19.10 4.01
CA GLY B 171 15.35 18.10 5.08
C GLY B 171 14.21 18.16 6.10
N GLU B 172 13.23 18.98 5.86
CA GLU B 172 12.12 19.12 6.81
C GLU B 172 11.47 17.73 6.88
N VAL B 173 11.22 17.19 8.07
CA VAL B 173 10.20 16.13 8.17
C VAL B 173 8.83 16.76 8.00
N VAL B 174 8.00 16.17 7.14
CA VAL B 174 6.65 16.66 6.92
C VAL B 174 5.62 15.55 7.12
N LEU B 175 4.68 15.78 8.04
CA LEU B 175 3.66 14.81 8.34
C LEU B 175 2.33 15.35 7.84
N LEU B 176 1.61 14.57 7.08
CA LEU B 176 0.26 14.88 6.68
C LEU B 176 -0.77 13.94 7.30
N GLY B 177 -1.87 14.44 7.79
CA GLY B 177 -2.89 13.60 8.36
C GLY B 177 -4.09 13.56 7.45
N PHE B 178 -4.60 12.35 7.27
CA PHE B 178 -5.71 12.09 6.40
C PHE B 178 -6.82 11.43 7.18
N GLY B 179 -8.03 11.58 6.73
CA GLY B 179 -9.16 10.90 7.32
C GLY B 179 -10.35 10.94 6.41
N TRP B 180 -11.27 9.98 6.52
CA TRP B 180 -12.40 9.92 5.63
C TRP B 180 -13.39 11.07 5.91
N ALA B 181 -13.88 11.70 4.87
CA ALA B 181 -14.76 12.85 4.96
C ALA B 181 -16.16 12.48 4.47
N ARG B 182 -17.12 12.41 5.37
CA ARG B 182 -18.46 12.09 4.93
C ARG B 182 -19.30 13.31 4.50
N LEU B 183 -18.92 13.99 3.44
CA LEU B 183 -19.55 15.29 3.14
C LEU B 183 -20.97 15.18 2.61
N MET C 21 19.89 -10.07 12.23
CA MET C 21 20.09 -10.85 11.03
C MET C 21 21.11 -12.00 11.15
N ASP C 22 21.96 -12.08 12.18
CA ASP C 22 22.13 -13.30 12.92
C ASP C 22 20.82 -13.40 13.62
N VAL C 23 20.57 -12.47 14.51
CA VAL C 23 19.53 -12.66 15.48
C VAL C 23 18.11 -12.71 14.91
N LEU C 24 17.87 -11.88 13.93
CA LEU C 24 16.60 -11.89 13.20
C LEU C 24 16.38 -13.21 12.45
N GLN C 25 17.35 -13.66 11.70
CA GLN C 25 17.25 -14.95 11.09
C GLN C 25 17.04 -16.06 12.12
N GLU C 26 17.74 -15.97 13.22
CA GLU C 26 17.60 -16.96 14.27
C GLU C 26 16.20 -16.98 14.82
N GLN C 27 15.52 -15.85 14.84
CA GLN C 27 14.14 -15.82 15.33
C GLN C 27 13.22 -16.72 14.48
N VAL C 28 13.51 -16.81 13.21
CA VAL C 28 12.73 -17.63 12.32
C VAL C 28 12.95 -19.12 12.65
N PHE C 29 14.19 -19.50 12.88
CA PHE C 29 14.51 -20.89 13.21
C PHE C 29 13.82 -21.27 14.51
N LYS C 30 13.91 -20.40 15.48
CA LYS C 30 13.30 -20.63 16.76
C LYS C 30 11.81 -20.78 16.65
N ASP C 31 11.18 -19.93 15.85
CA ASP C 31 9.75 -19.98 15.65
C ASP C 31 9.30 -21.24 14.95
N LEU C 32 9.98 -21.64 13.90
CA LEU C 32 9.61 -22.85 13.20
C LEU C 32 9.77 -24.09 14.08
N LYS C 33 10.85 -24.12 14.83
CA LYS C 33 11.06 -25.19 15.77
C LYS C 33 9.92 -25.30 16.77
N SER C 34 9.55 -24.20 17.39
CA SER C 34 8.33 -24.15 18.17
C SER C 34 7.08 -24.66 17.50
N ARG C 35 7.00 -24.58 16.19
CA ARG C 35 5.79 -24.97 15.50
C ARG C 35 5.91 -26.42 15.02
N GLY C 36 6.98 -27.09 15.45
CA GLY C 36 7.20 -28.47 15.09
C GLY C 36 7.79 -28.74 13.73
N PHE C 37 8.47 -27.76 13.16
CA PHE C 37 9.28 -28.02 11.99
C PHE C 37 10.66 -28.56 12.32
N LYS C 38 11.22 -29.34 11.42
CA LYS C 38 12.63 -29.49 11.41
C LYS C 38 13.36 -28.93 10.27
N ILE C 39 14.52 -28.40 10.55
CA ILE C 39 15.29 -27.79 9.52
C ILE C 39 16.07 -28.85 8.79
N ILE C 40 15.97 -28.86 7.47
CA ILE C 40 16.48 -29.93 6.63
C ILE C 40 17.82 -29.55 6.04
N GLU C 41 17.90 -28.39 5.44
CA GLU C 41 19.08 -27.93 4.76
C GLU C 41 19.12 -26.41 4.61
N GLN C 42 20.26 -25.82 4.88
CA GLN C 42 20.45 -24.43 4.58
C GLN C 42 21.08 -24.27 3.25
N LEU C 43 20.40 -23.59 2.32
CA LEU C 43 20.83 -23.47 0.95
C LEU C 43 21.64 -22.24 0.71
N ASP C 44 21.51 -21.29 1.59
CA ASP C 44 21.98 -19.94 1.30
C ASP C 44 21.76 -19.01 2.43
N ASP C 45 22.33 -17.83 2.30
CA ASP C 45 21.82 -16.74 3.02
C ASP C 45 20.32 -16.71 2.82
N LYS C 46 19.58 -16.94 3.86
CA LYS C 46 18.18 -16.60 3.87
C LYS C 46 17.26 -17.58 3.18
N ILE C 47 17.83 -18.62 2.61
CA ILE C 47 17.08 -19.68 2.00
C ILE C 47 17.35 -21.03 2.66
N PHE C 48 16.29 -21.73 3.04
CA PHE C 48 16.44 -23.01 3.67
C PHE C 48 15.24 -23.90 3.42
N ILE C 49 15.39 -25.20 3.65
CA ILE C 49 14.30 -26.15 3.57
C ILE C 49 13.97 -26.60 4.95
N ALA C 50 12.68 -26.65 5.29
CA ALA C 50 12.26 -27.19 6.55
C ALA C 50 11.03 -28.01 6.33
N GLU C 51 10.69 -28.85 7.29
CA GLU C 51 9.65 -29.88 7.11
C GLU C 51 8.72 -30.01 8.30
N LYS C 52 7.43 -30.00 8.03
CA LYS C 52 6.46 -30.43 8.99
C LYS C 52 5.63 -31.51 8.35
N LYS C 53 4.56 -31.14 7.68
CA LYS C 53 3.87 -32.21 6.99
C LYS C 53 4.56 -32.50 5.67
N GLU C 54 4.82 -31.46 4.91
CA GLU C 54 5.64 -31.59 3.72
C GLU C 54 6.90 -30.75 3.89
N ARG C 55 7.79 -30.80 2.94
CA ARG C 55 8.91 -29.87 2.90
C ARG C 55 8.58 -28.60 2.17
N TYR C 56 9.03 -27.49 2.74
CA TYR C 56 8.86 -26.19 2.14
C TYR C 56 10.20 -25.49 1.92
N LEU C 57 10.25 -24.62 0.96
CA LEU C 57 11.36 -23.76 0.78
C LEU C 57 11.06 -22.42 1.40
N PHE C 58 11.83 -22.04 2.40
CA PHE C 58 11.68 -20.81 3.12
C PHE C 58 12.64 -19.74 2.61
N TYR C 59 12.14 -18.52 2.52
CA TYR C 59 12.96 -17.36 2.20
C TYR C 59 12.69 -16.27 3.22
N VAL C 60 13.71 -15.79 3.88
CA VAL C 60 13.56 -14.89 4.98
C VAL C 60 13.65 -13.46 4.46
N MET C 61 12.67 -12.63 4.81
CA MET C 61 12.65 -11.23 4.46
C MET C 61 12.57 -10.38 5.70
N VAL C 62 13.57 -9.57 5.92
CA VAL C 62 13.61 -8.63 7.03
C VAL C 62 12.97 -7.25 6.71
N GLU C 63 12.17 -6.76 7.64
CA GLU C 63 11.56 -5.43 7.54
C GLU C 63 12.61 -4.40 7.08
N GLY C 64 12.31 -3.68 6.03
CA GLY C 64 13.19 -2.62 5.64
C GLY C 64 14.22 -3.01 4.61
N VAL C 65 14.36 -4.29 4.36
CA VAL C 65 15.38 -4.81 3.45
C VAL C 65 14.76 -5.23 2.13
N GLU C 66 14.96 -4.46 1.10
CA GLU C 66 14.33 -4.68 -0.16
C GLU C 66 15.02 -5.75 -0.97
N VAL C 67 14.25 -6.50 -1.77
CA VAL C 67 14.82 -7.52 -2.63
C VAL C 67 14.27 -7.40 -4.04
N THR C 68 15.14 -7.42 -5.04
CA THR C 68 14.68 -7.27 -6.40
C THR C 68 13.60 -8.27 -6.82
N ILE C 69 12.80 -7.92 -7.80
CA ILE C 69 11.87 -8.85 -8.30
C ILE C 69 12.52 -10.09 -8.90
N GLN C 70 13.67 -9.92 -9.52
CA GLN C 70 14.39 -11.03 -10.02
C GLN C 70 14.77 -12.02 -8.93
N THR C 71 15.19 -11.50 -7.79
CA THR C 71 15.56 -12.35 -6.72
C THR C 71 14.38 -13.18 -6.25
N LEU C 72 13.25 -12.55 -6.06
CA LEU C 72 12.08 -13.26 -5.66
C LEU C 72 11.64 -14.29 -6.70
N LEU C 73 11.67 -13.91 -7.95
CA LEU C 73 11.32 -14.85 -8.98
C LEU C 73 12.24 -16.04 -8.99
N SER C 74 13.50 -15.81 -8.75
CA SER C 74 14.42 -16.91 -8.67
C SER C 74 14.07 -17.91 -7.57
N VAL C 75 13.69 -17.41 -6.41
CA VAL C 75 13.37 -18.25 -5.31
C VAL C 75 12.11 -19.07 -5.61
N ILE C 76 11.12 -18.42 -6.18
CA ILE C 76 9.91 -19.10 -6.57
C ILE C 76 10.23 -20.17 -7.60
N ASN C 77 11.08 -19.87 -8.51
CA ASN C 77 11.47 -20.84 -9.49
C ASN C 77 12.22 -22.00 -8.86
N MET C 78 13.09 -21.74 -7.92
CA MET C 78 13.69 -22.83 -7.17
C MET C 78 12.65 -23.75 -6.54
N GLY C 79 11.58 -23.21 -6.00
CA GLY C 79 10.61 -24.06 -5.40
C GLY C 79 9.95 -24.96 -6.43
N GLU C 80 9.71 -24.42 -7.62
CA GLU C 80 9.17 -25.20 -8.70
C GLU C 80 10.19 -26.29 -9.07
N THR C 81 11.44 -25.93 -9.20
CA THR C 81 12.49 -26.86 -9.59
C THR C 81 12.68 -27.96 -8.58
N LEU C 82 12.56 -27.62 -7.31
CA LEU C 82 12.73 -28.56 -6.21
C LEU C 82 11.41 -29.26 -5.86
N SER C 83 10.36 -28.95 -6.58
CA SER C 83 9.04 -29.38 -6.20
C SER C 83 8.50 -29.15 -4.83
N MET C 84 8.67 -27.95 -4.30
CA MET C 84 8.27 -27.61 -2.94
C MET C 84 7.53 -26.27 -2.92
N PRO C 85 6.50 -26.10 -2.11
CA PRO C 85 5.96 -24.77 -1.96
C PRO C 85 6.92 -23.82 -1.29
N VAL C 86 6.77 -22.55 -1.61
CA VAL C 86 7.63 -21.47 -1.10
C VAL C 86 6.90 -20.68 -0.03
N VAL C 87 7.57 -20.41 1.06
CA VAL C 87 7.04 -19.65 2.17
C VAL C 87 8.01 -18.52 2.41
N LEU C 88 7.49 -17.32 2.45
CA LEU C 88 8.25 -16.15 2.84
C LEU C 88 8.14 -15.94 4.33
N ALA C 89 9.25 -15.90 5.01
CA ALA C 89 9.23 -15.68 6.41
C ALA C 89 9.54 -14.21 6.64
N LEU C 90 8.56 -13.45 7.06
CA LEU C 90 8.72 -12.02 7.24
C LEU C 90 9.07 -11.67 8.67
N VAL C 91 10.15 -10.96 8.86
CA VAL C 91 10.61 -10.68 10.21
C VAL C 91 10.64 -9.19 10.50
N SER C 92 9.99 -8.79 11.58
CA SER C 92 9.95 -7.39 11.95
C SER C 92 11.29 -6.93 12.47
N ASN C 93 11.44 -5.64 12.68
CA ASN C 93 12.75 -5.09 12.99
C ASN C 93 13.22 -5.52 14.35
N ASP C 94 12.28 -5.98 15.15
CA ASP C 94 12.55 -6.48 16.47
C ASP C 94 12.14 -7.95 16.73
N GLY C 95 11.93 -8.74 15.67
CA GLY C 95 12.00 -10.18 15.76
C GLY C 95 10.71 -11.00 15.73
N THR C 96 9.60 -10.38 15.36
CA THR C 96 8.33 -11.06 15.20
C THR C 96 8.22 -11.63 13.78
N VAL C 97 7.77 -12.87 13.67
CA VAL C 97 7.77 -13.58 12.44
C VAL C 97 6.37 -13.89 11.92
N THR C 98 6.12 -13.59 10.68
CA THR C 98 4.84 -13.82 10.01
C THR C 98 5.12 -14.53 8.70
N TYR C 99 4.33 -15.52 8.30
CA TYR C 99 4.60 -16.27 7.07
C TYR C 99 3.55 -16.08 5.98
N TYR C 100 3.99 -15.92 4.74
CA TYR C 100 3.12 -15.92 3.60
C TYR C 100 3.55 -16.99 2.57
N TYR C 101 2.60 -17.73 2.04
CA TYR C 101 2.86 -18.43 0.80
C TYR C 101 3.04 -17.50 -0.37
N VAL C 102 3.88 -17.89 -1.32
CA VAL C 102 3.94 -17.23 -2.58
C VAL C 102 4.08 -18.25 -3.74
N ARG C 103 3.50 -17.94 -4.87
CA ARG C 103 3.60 -18.77 -6.05
C ARG C 103 3.55 -17.93 -7.31
N LYS C 104 4.03 -18.42 -8.43
CA LYS C 104 3.72 -17.82 -9.72
C LYS C 104 2.40 -18.33 -10.22
N ILE C 105 1.48 -17.44 -10.54
CA ILE C 105 0.19 -17.82 -11.01
C ILE C 105 0.25 -18.13 -12.49
N ARG C 106 -0.47 -19.16 -12.88
CA ARG C 106 -0.72 -19.44 -14.27
C ARG C 106 -2.23 -19.31 -14.50
N LEU C 107 -2.66 -18.16 -14.95
CA LEU C 107 -4.03 -17.81 -14.89
C LEU C 107 -4.76 -18.51 -16.03
N PRO C 108 -5.71 -19.37 -15.71
CA PRO C 108 -6.56 -19.99 -16.70
C PRO C 108 -7.53 -19.05 -17.33
N ARG C 109 -7.94 -19.31 -18.55
CA ARG C 109 -9.03 -18.56 -19.13
C ARG C 109 -10.24 -18.69 -18.23
N ASN C 110 -11.08 -17.67 -18.19
CA ASN C 110 -12.20 -17.64 -17.25
C ASN C 110 -13.40 -18.36 -17.87
N ILE C 111 -13.79 -19.49 -17.33
CA ILE C 111 -14.92 -20.24 -17.87
C ILE C 111 -16.21 -19.44 -17.83
N TYR C 112 -16.31 -18.48 -16.92
CA TYR C 112 -17.57 -17.74 -16.70
C TYR C 112 -17.69 -16.49 -17.56
N ALA C 113 -16.70 -16.24 -18.40
CA ALA C 113 -16.72 -15.08 -19.26
C ALA C 113 -18.00 -15.04 -20.04
N GLU C 114 -18.66 -13.90 -20.06
CA GLU C 114 -19.87 -13.70 -20.89
C GLU C 114 -19.57 -13.70 -22.37
N ALA C 115 -20.43 -14.32 -23.16
CA ALA C 115 -20.37 -14.20 -24.61
C ALA C 115 -20.31 -12.78 -25.15
N VAL C 116 -19.54 -12.59 -26.17
CA VAL C 116 -19.38 -11.30 -26.80
C VAL C 116 -19.85 -11.38 -28.23
N MET D 1 -22.56 1.88 -31.79
CA MET D 1 -21.51 1.56 -30.87
C MET D 1 -20.66 2.75 -30.49
N ILE D 2 -21.32 3.87 -30.27
CA ILE D 2 -20.66 5.15 -30.02
C ILE D 2 -20.48 5.43 -28.54
N GLY D 3 -19.34 5.98 -28.18
CA GLY D 3 -19.22 6.65 -26.91
C GLY D 3 -18.45 7.92 -27.03
N TYR D 4 -18.50 8.76 -26.03
CA TYR D 4 -17.99 10.10 -26.09
C TYR D 4 -16.82 10.32 -25.12
N LEU D 5 -15.66 10.62 -25.63
CA LEU D 5 -14.53 10.92 -24.79
C LEU D 5 -14.71 12.28 -24.12
N ARG D 6 -14.71 12.33 -22.81
CA ARG D 6 -14.83 13.56 -22.08
C ARG D 6 -13.83 13.63 -20.94
N GLY D 7 -12.61 14.01 -21.24
CA GLY D 7 -11.58 13.98 -20.25
C GLY D 7 -10.85 12.67 -20.28
N LEU D 8 -10.85 11.97 -19.16
CA LEU D 8 -10.21 10.67 -19.03
C LEU D 8 -11.16 9.48 -18.92
N ALA D 9 -12.39 9.68 -19.31
CA ALA D 9 -13.34 8.63 -19.37
C ALA D 9 -14.24 8.80 -20.60
N VAL D 10 -14.97 7.76 -20.95
CA VAL D 10 -15.87 7.76 -22.08
C VAL D 10 -17.32 7.51 -21.61
N ILE D 11 -18.24 8.34 -22.10
CA ILE D 11 -19.64 8.17 -21.80
C ILE D 11 -20.42 7.57 -22.93
N VAL D 12 -21.27 6.62 -22.60
CA VAL D 12 -22.11 5.99 -23.58
C VAL D 12 -23.53 6.43 -23.29
N GLU D 13 -24.12 7.15 -24.23
CA GLU D 13 -25.46 7.69 -24.08
C GLU D 13 -26.52 6.79 -24.71
N ASP D 14 -26.12 5.95 -25.64
CA ASP D 14 -27.00 4.96 -26.21
C ASP D 14 -27.24 3.79 -25.22
N VAL D 15 -28.42 3.78 -24.60
CA VAL D 15 -28.65 2.88 -23.51
C VAL D 15 -28.72 1.43 -23.91
N GLU D 16 -29.34 1.17 -25.02
CA GLU D 16 -29.34 -0.15 -25.54
C GLU D 16 -27.94 -0.68 -25.81
N PHE D 17 -27.08 0.13 -26.38
CA PHE D 17 -25.65 -0.20 -26.53
C PHE D 17 -24.98 -0.40 -25.18
N ALA D 18 -25.21 0.51 -24.27
CA ALA D 18 -24.68 0.42 -22.93
C ALA D 18 -25.04 -0.88 -22.25
N ARG D 19 -26.30 -1.27 -22.34
CA ARG D 19 -26.73 -2.53 -21.82
C ARG D 19 -25.99 -3.73 -22.42
N ARG D 20 -25.75 -3.72 -23.73
CA ARG D 20 -24.97 -4.74 -24.36
C ARG D 20 -23.53 -4.83 -23.84
N LEU D 21 -22.86 -3.71 -23.73
CA LEU D 21 -21.51 -3.69 -23.18
C LEU D 21 -21.49 -4.25 -21.80
N TYR D 22 -22.42 -3.85 -20.97
CA TYR D 22 -22.50 -4.37 -19.64
C TYR D 22 -22.83 -5.85 -19.60
N LYS D 23 -23.76 -6.30 -20.44
CA LYS D 23 -24.05 -7.70 -20.51
C LYS D 23 -22.92 -8.53 -21.04
N GLU D 24 -22.17 -8.00 -21.97
CA GLU D 24 -21.14 -8.72 -22.66
C GLU D 24 -19.78 -8.51 -22.00
N GLY D 25 -19.74 -8.77 -20.70
CA GLY D 25 -18.49 -8.72 -19.97
C GLY D 25 -18.37 -7.67 -18.87
N PHE D 26 -19.47 -7.06 -18.48
CA PHE D 26 -19.46 -6.14 -17.38
C PHE D 26 -18.48 -4.95 -17.60
N TYR D 27 -18.47 -4.39 -18.79
CA TYR D 27 -17.78 -3.16 -19.08
C TYR D 27 -18.52 -1.93 -18.56
N GLY D 28 -17.82 -1.05 -17.87
CA GLY D 28 -18.39 0.20 -17.45
C GLY D 28 -19.22 0.20 -16.20
N ARG D 29 -19.75 1.36 -15.84
CA ARG D 29 -20.65 1.49 -14.71
C ARG D 29 -21.82 2.39 -15.15
N PHE D 30 -23.02 2.09 -14.73
CA PHE D 30 -24.14 3.00 -14.90
C PHE D 30 -24.13 4.12 -13.89
N LEU D 31 -24.21 5.34 -14.36
CA LEU D 31 -24.24 6.46 -13.46
C LEU D 31 -25.40 6.33 -12.47
N GLY D 32 -25.07 6.46 -11.20
CA GLY D 32 -26.04 6.38 -10.15
C GLY D 32 -26.20 5.01 -9.55
N TYR D 33 -25.46 4.04 -10.07
CA TYR D 33 -25.62 2.65 -9.65
C TYR D 33 -24.28 1.99 -9.42
N ASP D 34 -24.29 1.01 -8.53
CA ASP D 34 -23.23 0.05 -8.49
C ASP D 34 -23.58 -1.41 -8.34
N LYS D 35 -22.64 -2.27 -8.64
CA LYS D 35 -22.90 -3.68 -8.61
C LYS D 35 -24.19 -4.12 -9.23
N VAL D 36 -24.53 -3.57 -10.39
CA VAL D 36 -25.73 -3.96 -11.13
C VAL D 36 -25.68 -5.41 -11.61
N LYS D 37 -26.70 -6.17 -11.30
CA LYS D 37 -26.78 -7.51 -11.81
C LYS D 37 -27.12 -7.63 -13.28
N ARG D 38 -26.62 -8.67 -13.94
CA ARG D 38 -26.82 -8.88 -15.36
C ARG D 38 -28.29 -8.90 -15.80
N ASP D 39 -29.17 -9.30 -14.92
CA ASP D 39 -30.57 -9.29 -15.26
C ASP D 39 -31.24 -7.97 -15.03
N GLU D 40 -30.89 -7.35 -13.92
CA GLU D 40 -31.35 -6.02 -13.57
C GLU D 40 -31.14 -4.95 -14.67
N VAL D 41 -30.37 -5.27 -15.71
CA VAL D 41 -29.90 -4.30 -16.67
C VAL D 41 -31.00 -3.71 -17.49
N GLU D 42 -31.99 -4.51 -17.77
CA GLU D 42 -32.96 -4.11 -18.74
C GLU D 42 -33.82 -2.99 -18.22
N LYS D 43 -33.87 -2.85 -16.91
CA LYS D 43 -34.59 -1.76 -16.32
C LYS D 43 -33.77 -0.60 -15.79
N ILE D 44 -32.50 -0.53 -16.19
CA ILE D 44 -31.71 0.66 -16.02
C ILE D 44 -31.76 1.57 -17.21
N ASN D 45 -31.92 2.84 -16.96
CA ASN D 45 -31.94 3.86 -17.98
C ASN D 45 -31.02 5.00 -17.56
N ALA D 46 -29.73 4.79 -17.66
CA ALA D 46 -28.77 5.78 -17.24
C ALA D 46 -27.59 5.67 -18.21
N PRO D 47 -26.84 6.74 -18.38
CA PRO D 47 -25.60 6.57 -19.14
C PRO D 47 -24.60 5.62 -18.48
N LEU D 48 -23.68 5.10 -19.26
CA LEU D 48 -22.67 4.18 -18.79
C LEU D 48 -21.36 4.91 -18.92
N ILE D 49 -20.53 4.87 -17.90
CA ILE D 49 -19.21 5.41 -18.06
C ILE D 49 -18.14 4.32 -18.10
N LEU D 50 -17.20 4.50 -18.98
CA LEU D 50 -16.18 3.54 -19.25
C LEU D 50 -14.89 4.21 -18.85
N GLY D 51 -14.08 3.55 -18.07
CA GLY D 51 -12.77 4.06 -17.79
C GLY D 51 -11.89 4.03 -19.02
N LEU D 52 -10.83 4.79 -19.04
CA LEU D 52 -9.98 4.83 -20.20
C LEU D 52 -9.41 3.48 -20.64
N TYR D 53 -8.88 2.67 -19.73
CA TYR D 53 -8.41 1.36 -20.10
C TYR D 53 -9.53 0.56 -20.76
N GLU D 54 -10.75 0.64 -20.25
CA GLU D 54 -11.87 -0.14 -20.77
C GLU D 54 -12.15 0.33 -22.19
N ALA D 55 -12.22 1.61 -22.34
CA ALA D 55 -12.56 2.18 -23.62
C ALA D 55 -11.49 1.84 -24.69
N LEU D 56 -10.24 2.00 -24.34
CA LEU D 56 -9.16 1.61 -25.21
C LEU D 56 -9.26 0.16 -25.61
N TYR D 57 -9.48 -0.71 -24.65
CA TYR D 57 -9.60 -2.11 -24.94
C TYR D 57 -10.75 -2.38 -25.93
N LEU D 58 -11.93 -1.88 -25.62
CA LEU D 58 -13.07 -2.04 -26.51
C LEU D 58 -12.89 -1.42 -27.89
N ALA D 59 -12.21 -0.32 -27.95
CA ALA D 59 -11.90 0.32 -29.21
C ALA D 59 -10.96 -0.54 -30.03
N GLU D 60 -9.92 -1.05 -29.40
CA GLU D 60 -9.04 -1.99 -30.09
C GLU D 60 -9.77 -3.25 -30.59
N LYS D 61 -10.75 -3.71 -29.85
CA LYS D 61 -11.54 -4.89 -30.22
C LYS D 61 -12.65 -4.65 -31.25
N GLY D 62 -12.68 -3.43 -31.74
CA GLY D 62 -13.74 -2.96 -32.59
C GLY D 62 -15.15 -2.96 -32.07
N ARG D 63 -15.30 -2.82 -30.77
CA ARG D 63 -16.61 -2.88 -30.13
C ARG D 63 -17.14 -1.53 -29.68
N LEU D 64 -16.30 -0.52 -29.86
CA LEU D 64 -16.60 0.83 -29.49
C LEU D 64 -15.96 1.80 -30.43
N LYS D 65 -16.72 2.80 -30.83
CA LYS D 65 -16.23 3.91 -31.58
C LYS D 65 -16.26 5.15 -30.75
N VAL D 66 -15.11 5.74 -30.53
CA VAL D 66 -15.01 6.86 -29.61
C VAL D 66 -14.99 8.19 -30.35
N MET D 67 -15.81 9.14 -29.90
CA MET D 67 -15.85 10.46 -30.48
C MET D 67 -15.33 11.54 -29.53
N GLY D 68 -14.41 12.35 -30.00
CA GLY D 68 -13.94 13.48 -29.25
C GLY D 68 -14.84 14.68 -29.21
N GLU D 69 -14.43 15.71 -28.49
CA GLU D 69 -15.30 16.83 -28.20
C GLU D 69 -15.60 17.63 -29.45
N ASP D 70 -14.65 17.61 -30.37
CA ASP D 70 -14.78 18.22 -31.70
C ASP D 70 -15.63 17.46 -32.67
N GLY D 71 -16.15 16.32 -32.24
CA GLY D 71 -17.01 15.51 -33.05
C GLY D 71 -16.31 14.50 -33.95
N ARG D 72 -14.98 14.51 -33.96
CA ARG D 72 -14.16 13.52 -34.71
C ARG D 72 -13.90 12.21 -33.99
N GLU D 73 -13.79 11.13 -34.74
CA GLU D 73 -13.31 9.87 -34.21
C GLU D 73 -11.98 9.95 -33.50
N VAL D 74 -11.85 9.31 -32.34
CA VAL D 74 -10.58 9.13 -31.66
C VAL D 74 -10.14 7.69 -31.81
N ALA D 75 -9.04 7.48 -32.51
CA ALA D 75 -8.53 6.14 -32.75
C ALA D 75 -7.87 5.56 -31.49
N PRO D 76 -7.87 4.26 -31.34
CA PRO D 76 -7.11 3.63 -30.27
C PRO D 76 -5.76 4.23 -30.03
N GLU D 77 -4.98 4.48 -31.06
CA GLU D 77 -3.70 5.13 -30.86
C GLU D 77 -3.76 6.46 -30.13
N GLU D 78 -4.80 7.24 -30.38
CA GLU D 78 -4.90 8.55 -29.78
C GLU D 78 -5.33 8.39 -28.33
N LEU D 79 -6.17 7.41 -28.06
CA LEU D 79 -6.54 7.10 -26.68
C LEU D 79 -5.37 6.70 -25.85
N ALA D 80 -4.52 5.85 -26.38
CA ALA D 80 -3.31 5.47 -25.69
C ALA D 80 -2.38 6.63 -25.48
N ALA D 81 -2.25 7.48 -26.45
CA ALA D 81 -1.39 8.61 -26.25
C ALA D 81 -1.86 9.58 -25.17
N LEU D 82 -3.15 9.79 -25.10
CA LEU D 82 -3.76 10.50 -23.99
C LEU D 82 -3.53 9.86 -22.61
N GLY D 83 -3.78 8.58 -22.47
CA GLY D 83 -3.45 7.91 -21.23
C GLY D 83 -1.98 8.00 -20.85
N ARG D 84 -1.09 7.70 -21.77
CA ARG D 84 0.33 7.75 -21.51
C ARG D 84 0.76 9.10 -21.00
N GLU D 85 0.17 10.15 -21.50
CA GLU D 85 0.62 11.44 -21.08
C GLU D 85 0.07 11.95 -19.77
N ARG D 86 -1.02 11.36 -19.29
CA ARG D 86 -1.64 11.79 -18.08
C ARG D 86 -1.48 10.83 -16.91
N MET D 87 -1.30 9.56 -17.23
CA MET D 87 -1.27 8.51 -16.22
C MET D 87 0.06 7.78 -16.19
N ARG D 88 0.75 7.84 -15.08
CA ARG D 88 2.04 7.23 -14.95
C ARG D 88 1.93 5.73 -15.19
N ASN D 89 2.87 5.15 -15.90
CA ASN D 89 2.87 3.73 -16.20
C ASN D 89 1.70 3.19 -17.04
N PHE D 90 1.02 4.03 -17.78
CA PHE D 90 -0.12 3.62 -18.60
C PHE D 90 0.12 2.38 -19.41
N ASP D 91 1.23 2.34 -20.12
CA ASP D 91 1.46 1.23 -21.02
C ASP D 91 1.57 -0.10 -20.31
N GLU D 92 2.32 -0.08 -19.24
CA GLU D 92 2.49 -1.25 -18.42
C GLU D 92 1.16 -1.69 -17.80
N ILE D 93 0.45 -0.76 -17.22
CA ILE D 93 -0.81 -1.04 -16.59
C ILE D 93 -1.88 -1.52 -17.59
N TYR D 94 -1.90 -0.96 -18.78
CA TYR D 94 -2.79 -1.46 -19.81
C TYR D 94 -2.47 -2.87 -20.23
N LYS D 95 -1.19 -3.19 -20.32
CA LYS D 95 -0.78 -4.53 -20.60
C LYS D 95 -1.36 -5.50 -19.62
N ILE D 96 -1.31 -5.12 -18.36
CA ILE D 96 -1.92 -5.92 -17.32
C ILE D 96 -3.45 -6.02 -17.42
N TYR D 97 -4.10 -4.91 -17.72
CA TYR D 97 -5.53 -4.85 -17.95
C TYR D 97 -5.89 -5.84 -19.05
N LYS D 98 -5.14 -5.80 -20.13
CA LYS D 98 -5.40 -6.63 -21.27
C LYS D 98 -5.15 -8.10 -20.99
N TYR D 99 -4.14 -8.39 -20.22
CA TYR D 99 -3.81 -9.74 -19.88
C TYR D 99 -5.00 -10.41 -19.25
N PHE D 100 -5.58 -9.77 -18.26
CA PHE D 100 -6.71 -10.31 -17.58
C PHE D 100 -7.95 -10.36 -18.52
N ARG D 101 -8.19 -9.26 -19.23
CA ARG D 101 -9.35 -9.18 -20.09
C ARG D 101 -9.31 -10.18 -21.26
N ASP D 102 -8.17 -10.28 -21.90
CA ASP D 102 -8.00 -11.28 -22.95
C ASP D 102 -8.28 -12.73 -22.47
N LEU D 103 -8.09 -13.00 -21.19
CA LEU D 103 -8.40 -14.29 -20.59
C LEU D 103 -9.81 -14.41 -20.03
N GLY D 104 -10.61 -13.38 -20.19
CA GLY D 104 -12.02 -13.47 -19.89
C GLY D 104 -12.45 -12.95 -18.54
N TYR D 105 -11.53 -12.32 -17.81
CA TYR D 105 -11.80 -11.80 -16.47
C TYR D 105 -12.33 -10.37 -16.50
N VAL D 106 -13.22 -10.04 -15.57
CA VAL D 106 -13.78 -8.72 -15.42
C VAL D 106 -12.83 -7.81 -14.61
N VAL D 107 -12.30 -6.74 -15.17
CA VAL D 107 -11.27 -5.98 -14.52
C VAL D 107 -11.83 -4.62 -14.17
N LYS D 108 -11.84 -4.29 -12.89
CA LYS D 108 -12.51 -3.11 -12.39
C LYS D 108 -11.55 -2.21 -11.59
N SER D 109 -11.93 -0.96 -11.41
CA SER D 109 -11.15 -0.07 -10.58
C SER D 109 -10.71 -0.75 -9.30
N GLY D 110 -9.47 -0.51 -8.92
CA GLY D 110 -8.97 -0.90 -7.63
C GLY D 110 -9.00 0.14 -6.54
N LEU D 111 -9.40 1.34 -6.87
CA LEU D 111 -9.34 2.46 -5.92
C LEU D 111 -9.98 2.16 -4.58
N LYS D 112 -11.17 1.62 -4.57
CA LYS D 112 -11.79 1.35 -3.29
C LYS D 112 -11.00 0.39 -2.40
N PHE D 113 -10.15 -0.41 -3.02
CA PHE D 113 -9.36 -1.38 -2.33
C PHE D 113 -7.96 -0.90 -1.98
N GLY D 114 -7.58 0.25 -2.48
CA GLY D 114 -6.21 0.69 -2.35
C GLY D 114 -5.21 -0.02 -3.25
N ALA D 115 -5.73 -0.50 -4.36
CA ALA D 115 -4.96 -1.35 -5.27
C ALA D 115 -5.13 -0.93 -6.72
N LEU D 116 -4.44 -1.59 -7.63
CA LEU D 116 -4.54 -1.29 -9.03
C LEU D 116 -5.89 -1.70 -9.59
N PHE D 117 -6.18 -2.98 -9.53
CA PHE D 117 -7.43 -3.44 -10.06
C PHE D 117 -8.13 -4.32 -9.07
N SER D 118 -9.43 -4.45 -9.24
CA SER D 118 -10.14 -5.57 -8.68
C SER D 118 -10.63 -6.47 -9.81
N VAL D 119 -10.41 -7.76 -9.67
CA VAL D 119 -10.60 -8.69 -10.74
C VAL D 119 -11.61 -9.76 -10.33
N TYR D 120 -12.65 -9.94 -11.16
CA TYR D 120 -13.72 -10.89 -10.93
C TYR D 120 -13.80 -11.91 -12.03
N GLU D 121 -14.34 -13.07 -11.72
CA GLU D 121 -14.78 -14.05 -12.72
C GLU D 121 -16.25 -13.91 -13.21
N LYS D 122 -17.16 -13.63 -12.29
CA LYS D 122 -18.58 -13.44 -12.59
C LYS D 122 -18.98 -12.00 -12.34
N GLY D 123 -18.10 -11.23 -11.79
CA GLY D 123 -18.37 -9.84 -11.73
C GLY D 123 -18.99 -9.38 -10.44
N PRO D 124 -19.36 -8.13 -10.45
CA PRO D 124 -20.28 -7.52 -9.52
C PRO D 124 -21.63 -7.47 -10.25
N GLY D 125 -22.75 -7.77 -9.62
CA GLY D 125 -22.81 -8.23 -8.27
C GLY D 125 -23.97 -9.17 -8.05
N ILE D 126 -23.62 -10.43 -7.88
CA ILE D 126 -22.20 -10.73 -7.82
C ILE D 126 -21.64 -12.01 -8.47
N ASP D 127 -20.98 -12.87 -7.74
CA ASP D 127 -21.18 -13.17 -6.35
C ASP D 127 -19.98 -14.04 -6.02
N HIS D 128 -18.88 -13.47 -5.51
CA HIS D 128 -18.55 -12.05 -5.49
C HIS D 128 -17.06 -11.88 -5.41
N ALA D 129 -16.53 -11.66 -4.23
CA ALA D 129 -15.14 -11.90 -3.89
C ALA D 129 -14.06 -11.46 -4.87
N PRO D 130 -13.76 -10.19 -4.98
CA PRO D 130 -12.80 -9.82 -6.02
C PRO D 130 -11.40 -10.20 -5.64
N MET D 131 -10.56 -10.47 -6.60
CA MET D 131 -9.09 -10.58 -6.41
C MET D 131 -8.47 -9.22 -6.42
N VAL D 132 -7.77 -8.88 -5.37
CA VAL D 132 -7.07 -7.65 -5.29
C VAL D 132 -5.73 -7.72 -5.98
N VAL D 133 -5.51 -6.84 -6.94
CA VAL D 133 -4.34 -6.87 -7.74
C VAL D 133 -3.51 -5.59 -7.48
N VAL D 134 -2.30 -5.78 -6.99
CA VAL D 134 -1.39 -4.73 -6.65
C VAL D 134 -0.31 -4.62 -7.73
N PHE D 135 0.07 -3.41 -8.10
CA PHE D 135 1.04 -3.15 -9.19
C PHE D 135 2.48 -3.00 -8.65
N LEU D 136 3.41 -3.67 -9.28
CA LEU D 136 4.81 -3.41 -9.04
C LEU D 136 5.41 -2.63 -10.18
N GLU D 137 5.68 -1.38 -9.93
CA GLU D 137 6.13 -0.46 -10.95
C GLU D 137 7.57 -0.71 -11.37
N PRO D 138 7.98 -0.15 -12.49
CA PRO D 138 9.33 -0.35 -12.95
C PRO D 138 10.42 -0.03 -11.93
N ASP D 139 11.48 -0.80 -11.90
CA ASP D 139 12.70 -0.43 -11.21
C ASP D 139 12.50 -0.43 -9.70
N LYS D 140 11.51 -1.15 -9.24
CA LYS D 140 11.17 -1.18 -7.85
C LYS D 140 11.23 -2.61 -7.29
N GLY D 141 11.69 -2.77 -6.08
CA GLY D 141 11.78 -4.08 -5.47
C GLY D 141 10.60 -4.39 -4.59
N ILE D 142 10.71 -5.41 -3.77
CA ILE D 142 9.66 -5.78 -2.86
C ILE D 142 10.22 -6.02 -1.46
N SER D 143 9.47 -5.65 -0.44
CA SER D 143 9.91 -5.83 0.92
C SER D 143 8.83 -6.56 1.74
N ALA D 144 9.20 -7.00 2.90
CA ALA D 144 8.23 -7.61 3.78
C ALA D 144 6.99 -6.75 3.99
N THR D 145 7.20 -5.45 4.13
CA THR D 145 6.06 -4.60 4.40
C THR D 145 5.06 -4.55 3.23
N ASP D 146 5.55 -4.67 2.00
CA ASP D 146 4.68 -4.67 0.85
C ASP D 146 3.73 -5.89 0.95
N ILE D 147 4.27 -6.95 1.51
CA ILE D 147 3.54 -8.19 1.52
C ILE D 147 2.46 -8.21 2.58
N THR D 148 2.80 -7.81 3.77
CA THR D 148 1.78 -7.58 4.75
C THR D 148 0.73 -6.53 4.37
N ARG D 149 1.16 -5.48 3.71
CA ARG D 149 0.21 -4.54 3.18
C ARG D 149 -0.80 -5.20 2.25
N GLY D 150 -0.32 -5.97 1.31
CA GLY D 150 -1.25 -6.61 0.42
C GLY D 150 -2.22 -7.50 1.19
N GLY D 151 -1.71 -8.18 2.18
CA GLY D 151 -2.55 -8.99 3.02
C GLY D 151 -3.64 -8.22 3.70
N ARG D 152 -3.36 -6.99 4.08
CA ARG D 152 -4.35 -6.10 4.68
C ARG D 152 -5.37 -5.60 3.65
N LEU D 153 -4.95 -5.44 2.42
CA LEU D 153 -5.87 -4.98 1.41
C LEU D 153 -6.87 -6.06 1.02
N SER D 154 -6.49 -7.30 1.22
CA SER D 154 -7.32 -8.42 0.85
C SER D 154 -8.62 -8.40 1.67
N HIS D 155 -9.68 -8.84 1.02
CA HIS D 155 -10.92 -9.14 1.70
C HIS D 155 -11.14 -10.61 2.02
N SER D 156 -10.11 -11.41 1.83
CA SER D 156 -10.14 -12.79 2.23
C SER D 156 -9.64 -13.04 3.62
N VAL D 157 -10.25 -13.94 4.35
CA VAL D 157 -9.65 -14.36 5.58
C VAL D 157 -8.26 -14.98 5.39
N ARG D 158 -7.96 -15.44 4.20
CA ARG D 158 -6.62 -15.97 3.96
C ARG D 158 -5.63 -14.90 3.53
N LYS D 159 -6.09 -13.68 3.47
CA LYS D 159 -5.24 -12.57 3.19
C LYS D 159 -4.57 -12.71 1.85
N THR D 160 -5.28 -13.29 0.92
CA THR D 160 -4.79 -13.51 -0.41
C THR D 160 -4.77 -12.27 -1.31
N TRP D 161 -3.72 -12.10 -2.06
CA TRP D 161 -3.62 -10.99 -2.96
C TRP D 161 -2.68 -11.32 -4.13
N THR D 162 -2.78 -10.57 -5.20
CA THR D 162 -1.97 -10.77 -6.38
C THR D 162 -1.07 -9.60 -6.71
N LEU D 163 0.20 -9.82 -6.98
CA LEU D 163 1.07 -8.79 -7.46
C LEU D 163 1.20 -8.95 -8.96
N ALA D 164 1.06 -7.87 -9.70
CA ALA D 164 1.19 -7.89 -11.13
C ALA D 164 2.32 -6.98 -11.55
N THR D 165 3.12 -7.42 -12.48
CA THR D 165 4.21 -6.61 -12.99
C THR D 165 4.52 -6.96 -14.44
N VAL D 166 5.23 -6.09 -15.13
CA VAL D 166 5.72 -6.44 -16.43
C VAL D 166 7.26 -6.52 -16.38
N LEU D 167 7.81 -7.65 -16.77
CA LEU D 167 9.22 -7.87 -16.66
C LEU D 167 10.01 -7.02 -17.63
N ARG D 168 10.90 -6.22 -17.07
CA ARG D 168 11.72 -5.33 -17.84
C ARG D 168 12.26 -5.98 -19.10
N GLN D 169 12.89 -7.11 -18.92
CA GLN D 169 13.68 -7.63 -19.98
C GLN D 169 12.90 -8.33 -21.05
N THR D 170 11.80 -8.95 -20.68
CA THR D 170 11.05 -9.77 -21.59
C THR D 170 9.74 -9.21 -22.00
N GLY D 171 9.18 -8.29 -21.22
CA GLY D 171 7.82 -7.83 -21.47
C GLY D 171 6.75 -8.78 -21.00
N GLU D 172 7.13 -9.85 -20.38
CA GLU D 172 6.18 -10.82 -19.88
C GLU D 172 5.37 -10.14 -18.76
N VAL D 173 4.04 -10.18 -18.79
CA VAL D 173 3.27 -10.00 -17.57
C VAL D 173 3.44 -11.14 -16.60
N VAL D 174 3.82 -10.83 -15.39
CA VAL D 174 4.00 -11.83 -14.36
C VAL D 174 3.01 -11.60 -13.21
N LEU D 175 2.26 -12.63 -12.86
CA LEU D 175 1.40 -12.55 -11.69
C LEU D 175 1.90 -13.44 -10.56
N LEU D 176 2.02 -12.90 -9.35
CA LEU D 176 2.36 -13.66 -8.20
C LEU D 176 1.21 -13.67 -7.22
N GLY D 177 0.96 -14.80 -6.61
CA GLY D 177 -0.10 -14.92 -5.67
C GLY D 177 0.45 -15.14 -4.30
N PHE D 178 -0.05 -14.37 -3.34
CA PHE D 178 0.43 -14.40 -1.97
C PHE D 178 -0.77 -14.76 -1.07
N GLY D 179 -0.50 -15.34 0.07
CA GLY D 179 -1.51 -15.61 1.05
C GLY D 179 -0.91 -15.94 2.40
N TRP D 180 -1.65 -15.72 3.44
CA TRP D 180 -1.13 -15.84 4.78
C TRP D 180 -0.98 -17.30 5.09
N ALA D 181 0.18 -17.71 5.59
CA ALA D 181 0.42 -19.08 5.97
C ALA D 181 0.32 -19.29 7.47
N ARG D 182 -0.68 -20.03 7.88
CA ARG D 182 -0.76 -20.40 9.25
C ARG D 182 -0.03 -21.72 9.44
N LEU D 183 1.22 -21.65 9.86
CA LEU D 183 2.05 -22.85 9.90
C LEU D 183 1.93 -23.63 11.22
#